data_8JKR
#
_entry.id   8JKR
#
_cell.length_a   69.884
_cell.length_b   69.884
_cell.length_c   87.967
_cell.angle_alpha   90.00
_cell.angle_beta   90.00
_cell.angle_gamma   120.00
#
_symmetry.space_group_name_H-M   'P 32 2 1'
#
loop_
_entity.id
_entity.type
_entity.pdbx_description
1 polymer "bis(5'-nucleosyl)-tetraphosphatase (symmetrical)"
2 non-polymer "URIDINE-5'-MONOPHOSPHATE"
3 non-polymer 1,2-ETHANEDIOL
4 non-polymer GLYCEROL
5 non-polymer 'FE (III) ION'
6 non-polymer 'SULFATE ION'
7 water water
#
_entity_poly.entity_id   1
_entity_poly.type   'polypeptide(L)'
_entity_poly.pdbx_seq_one_letter_code
;MSYQDYINCSREALLEKMAELLPEKRLTHCLGVERAAMELAQRFGVDVEKASLAGLLHDYAKKLSDQEFLVLIDRYQLDP
DLKNWGNNVWHGMVGIYKIQEDLDLHDSEILRAIEIHTVGAGQMTDLDKVIYVADYIEHNRAFPGVDVAREIASLSLNKA
VAYETARTVEYLAHQGFPIYPQTLETYNAFVHYLKEDLEENLYFQGHHHHHHHHHH
;
_entity_poly.pdbx_strand_id   A
#
# COMPACT_ATOMS: atom_id res chain seq x y z
N SER A 2 -7.15 5.14 -19.32
CA SER A 2 -8.17 5.49 -18.28
C SER A 2 -8.20 4.39 -17.22
N TYR A 3 -8.79 4.69 -16.07
CA TYR A 3 -8.97 3.69 -15.01
C TYR A 3 -9.80 2.49 -15.49
N GLN A 4 -10.78 2.73 -16.37
CA GLN A 4 -11.64 1.66 -16.93
C GLN A 4 -10.88 0.60 -17.71
N ASP A 5 -9.64 0.92 -18.13
CA ASP A 5 -8.73 -0.07 -18.72
C ASP A 5 -8.30 -1.13 -17.71
N TYR A 6 -8.48 -0.86 -16.42
CA TYR A 6 -8.07 -1.78 -15.34
C TYR A 6 -9.20 -2.28 -14.45
N ILE A 7 -10.15 -1.40 -14.16
CA ILE A 7 -11.30 -1.74 -13.32
C ILE A 7 -12.59 -1.57 -14.13
N ASN A 8 -13.72 -1.84 -13.46
CA ASN A 8 -15.03 -1.98 -14.08
C ASN A 8 -15.92 -0.75 -13.91
N CYS A 9 -15.29 0.41 -13.72
CA CYS A 9 -15.99 1.67 -13.54
C CYS A 9 -15.02 2.84 -13.67
N SER A 10 -15.56 4.04 -13.91
CA SER A 10 -14.77 5.26 -14.09
C SER A 10 -14.15 5.66 -12.78
N ARG A 11 -13.10 6.49 -12.85
CA ARG A 11 -12.54 7.10 -11.63
C ARG A 11 -13.64 7.73 -10.77
N GLU A 12 -14.52 8.53 -11.38
CA GLU A 12 -15.64 9.17 -10.66
C GLU A 12 -16.52 8.18 -9.88
N ALA A 13 -16.89 7.09 -10.56
CA ALA A 13 -17.74 6.04 -9.97
C ALA A 13 -16.99 5.27 -8.89
N LEU A 14 -15.67 5.10 -9.08
CA LEU A 14 -14.82 4.51 -8.05
C LEU A 14 -14.85 5.36 -6.77
N LEU A 15 -14.65 6.66 -6.92
CA LEU A 15 -14.62 7.59 -5.79
C LEU A 15 -15.93 7.59 -5.02
N GLU A 16 -17.04 7.47 -5.77
CA GLU A 16 -18.37 7.29 -5.17
C GLU A 16 -18.42 5.98 -4.41
N LYS A 17 -17.99 4.87 -5.01
CA LYS A 17 -17.96 3.58 -4.29
C LYS A 17 -17.10 3.67 -3.02
N MET A 18 -15.96 4.33 -3.12
CA MET A 18 -14.99 4.41 -2.02
C MET A 18 -15.47 5.31 -0.90
N ALA A 19 -16.22 6.36 -1.27
CA ALA A 19 -16.86 7.28 -0.31
C ALA A 19 -17.85 6.56 0.61
N GLU A 20 -18.46 5.48 0.12
CA GLU A 20 -19.32 4.58 0.92
C GLU A 20 -18.46 3.76 1.88
N LEU A 21 -17.36 3.19 1.38
CA LEU A 21 -16.53 2.22 2.10
C LEU A 21 -15.62 2.80 3.17
N LEU A 22 -15.32 4.09 3.06
CA LEU A 22 -14.25 4.71 3.83
C LEU A 22 -14.67 6.00 4.50
N PRO A 23 -14.21 6.23 5.75
CA PRO A 23 -14.33 7.55 6.38
C PRO A 23 -13.65 8.61 5.53
N GLU A 24 -13.99 9.87 5.73
CA GLU A 24 -13.43 10.93 4.86
C GLU A 24 -11.91 10.93 4.93
N LYS A 25 -11.38 10.95 6.14
CA LYS A 25 -9.92 11.05 6.34
C LYS A 25 -9.17 9.97 5.55
N ARG A 26 -9.71 8.75 5.54
CA ARG A 26 -9.11 7.61 4.83
C ARG A 26 -9.19 7.78 3.29
N LEU A 27 -10.31 8.33 2.82
CA LEU A 27 -10.49 8.66 1.38
C LEU A 27 -9.56 9.80 0.95
N THR A 28 -9.54 10.90 1.70
CA THR A 28 -8.56 11.99 1.53
C THR A 28 -7.10 11.46 1.43
N HIS A 29 -6.75 10.55 2.34
CA HIS A 29 -5.44 9.85 2.34
C HIS A 29 -5.21 9.16 0.99
N CYS A 30 -6.21 8.37 0.56
CA CYS A 30 -6.12 7.62 -0.70
C CYS A 30 -5.93 8.55 -1.90
N LEU A 31 -6.65 9.67 -1.89
CA LEU A 31 -6.48 10.72 -2.90
C LEU A 31 -5.07 11.34 -2.86
N GLY A 32 -4.56 11.55 -1.64
CA GLY A 32 -3.18 11.96 -1.41
C GLY A 32 -2.16 11.00 -2.04
N VAL A 33 -2.37 9.71 -1.82
CA VAL A 33 -1.47 8.65 -2.30
C VAL A 33 -1.54 8.55 -3.82
N GLU A 34 -2.73 8.68 -4.38
CA GLU A 34 -2.92 8.76 -5.83
C GLU A 34 -2.03 9.86 -6.43
N ARG A 35 -2.07 11.06 -5.84
CA ARG A 35 -1.25 12.18 -6.33
C ARG A 35 0.24 11.90 -6.11
N ALA A 36 0.62 11.50 -4.89
CA ALA A 36 2.03 11.25 -4.57
C ALA A 36 2.63 10.14 -5.44
N ALA A 37 1.83 9.11 -5.74
CA ALA A 37 2.28 7.97 -6.57
C ALA A 37 2.56 8.41 -8.03
N MET A 38 1.70 9.29 -8.54
CA MET A 38 1.87 9.85 -9.88
C MET A 38 3.21 10.59 -9.99
N GLU A 39 3.45 11.50 -9.05
CA GLU A 39 4.69 12.28 -8.99
C GLU A 39 5.95 11.42 -8.84
N LEU A 40 5.90 10.41 -7.97
CA LEU A 40 7.03 9.48 -7.81
C LEU A 40 7.23 8.64 -9.06
N ALA A 41 6.13 8.18 -9.65
CA ALA A 41 6.23 7.30 -10.82
C ALA A 41 6.89 8.06 -11.95
N GLN A 42 6.52 9.32 -12.11
CA GLN A 42 7.09 10.17 -13.14
C GLN A 42 8.61 10.31 -12.93
N ARG A 43 9.02 10.57 -11.68
CA ARG A 43 10.44 10.73 -11.33
C ARG A 43 11.28 9.47 -11.52
N PHE A 44 10.70 8.29 -11.29
CA PHE A 44 11.49 7.05 -11.30
C PHE A 44 11.11 6.07 -12.39
N GLY A 45 10.45 6.56 -13.43
CA GLY A 45 10.18 5.78 -14.64
C GLY A 45 9.20 4.64 -14.44
N VAL A 46 8.12 4.92 -13.72
CA VAL A 46 7.06 3.94 -13.53
C VAL A 46 5.84 4.48 -14.24
N ASP A 47 5.05 3.56 -14.81
CA ASP A 47 3.77 3.88 -15.44
C ASP A 47 2.91 4.72 -14.49
N VAL A 48 2.70 5.99 -14.85
CA VAL A 48 2.04 6.99 -13.98
C VAL A 48 0.58 6.63 -13.69
N GLU A 49 -0.05 5.95 -14.64
CA GLU A 49 -1.43 5.53 -14.52
C GLU A 49 -1.58 4.32 -13.60
N LYS A 50 -0.73 3.32 -13.75
CA LYS A 50 -0.73 2.17 -12.85
C LYS A 50 -0.47 2.60 -11.41
N ALA A 51 0.45 3.57 -11.25
CA ALA A 51 0.84 4.14 -9.97
C ALA A 51 -0.29 4.91 -9.32
N SER A 52 -0.92 5.83 -10.07
CA SER A 52 -2.10 6.57 -9.62
C SER A 52 -3.21 5.66 -9.15
N LEU A 53 -3.57 4.66 -9.95
CA LEU A 53 -4.65 3.75 -9.63
C LEU A 53 -4.34 2.87 -8.40
N ALA A 54 -3.13 2.31 -8.36
CA ALA A 54 -2.69 1.51 -7.21
C ALA A 54 -2.70 2.34 -5.93
N GLY A 55 -2.31 3.60 -6.05
CA GLY A 55 -2.25 4.56 -4.93
C GLY A 55 -3.62 4.94 -4.40
N LEU A 56 -4.55 5.20 -5.31
CA LEU A 56 -5.93 5.41 -4.91
C LEU A 56 -6.55 4.17 -4.27
N LEU A 57 -6.22 2.99 -4.80
CA LEU A 57 -6.82 1.76 -4.32
C LEU A 57 -6.16 1.11 -3.11
N HIS A 58 -4.96 1.57 -2.73
CA HIS A 58 -4.16 0.75 -1.82
C HIS A 58 -4.84 0.46 -0.46
N ASP A 59 -5.61 1.43 0.07
CA ASP A 59 -6.33 1.28 1.33
C ASP A 59 -7.83 1.05 1.17
N TYR A 60 -8.23 0.57 0.00
CA TYR A 60 -9.63 0.30 -0.33
C TYR A 60 -10.31 -0.59 0.72
N ALA A 61 -9.63 -1.69 1.07
CA ALA A 61 -10.15 -2.72 1.99
C ALA A 61 -9.84 -2.44 3.46
N LYS A 62 -9.46 -1.19 3.76
CA LYS A 62 -9.02 -0.79 5.10
C LYS A 62 -10.02 -1.14 6.20
N LYS A 63 -11.32 -0.97 5.88
CA LYS A 63 -12.42 -1.14 6.85
C LYS A 63 -13.24 -2.42 6.72
N LEU A 64 -12.77 -3.39 5.92
CA LEU A 64 -13.34 -4.74 6.00
C LEU A 64 -13.18 -5.23 7.44
N SER A 65 -14.08 -6.11 7.86
CA SER A 65 -14.04 -6.67 9.21
C SER A 65 -13.19 -7.94 9.23
N ASP A 66 -12.79 -8.33 10.43
CA ASP A 66 -12.03 -9.55 10.62
C ASP A 66 -12.72 -10.73 9.93
N GLN A 67 -14.04 -10.82 10.13
CA GLN A 67 -14.83 -11.93 9.61
C GLN A 67 -14.63 -12.14 8.12
N GLU A 68 -14.78 -11.05 7.36
CA GLU A 68 -14.61 -11.06 5.90
C GLU A 68 -13.21 -11.50 5.49
N PHE A 69 -12.19 -10.91 6.15
CA PHE A 69 -10.80 -11.29 5.91
C PHE A 69 -10.61 -12.78 6.13
N LEU A 70 -11.12 -13.27 7.28
CA LEU A 70 -11.05 -14.70 7.60
C LEU A 70 -11.75 -15.53 6.53
N VAL A 71 -12.92 -15.06 6.09
CA VAL A 71 -13.64 -15.65 4.93
C VAL A 71 -12.76 -15.71 3.67
N LEU A 72 -12.09 -14.59 3.38
CA LEU A 72 -11.25 -14.48 2.18
C LEU A 72 -10.02 -15.38 2.23
N ILE A 73 -9.45 -15.53 3.43
CA ILE A 73 -8.32 -16.44 3.66
C ILE A 73 -8.72 -17.87 3.27
N ASP A 74 -9.87 -18.35 3.78
CA ASP A 74 -10.39 -19.67 3.41
C ASP A 74 -10.74 -19.76 1.94
N ARG A 75 -11.61 -18.86 1.48
CA ARG A 75 -12.07 -18.86 0.08
C ARG A 75 -10.90 -19.02 -0.87
N TYR A 76 -9.87 -18.20 -0.70
CA TYR A 76 -8.75 -18.19 -1.65
C TYR A 76 -7.59 -19.09 -1.21
N GLN A 77 -7.83 -19.84 -0.13
CA GLN A 77 -6.87 -20.79 0.47
C GLN A 77 -5.50 -20.16 0.60
N LEU A 78 -5.45 -19.02 1.28
CA LEU A 78 -4.20 -18.30 1.51
C LEU A 78 -3.42 -18.98 2.62
N ASP A 79 -2.19 -18.51 2.84
CA ASP A 79 -1.36 -18.90 3.97
C ASP A 79 -2.22 -18.96 5.23
N PRO A 80 -2.33 -20.13 5.88
CA PRO A 80 -3.14 -20.23 7.11
C PRO A 80 -2.58 -19.43 8.26
N ASP A 81 -1.26 -19.22 8.27
CA ASP A 81 -0.63 -18.37 9.28
C ASP A 81 -1.26 -16.97 9.37
N LEU A 82 -1.89 -16.52 8.29
CA LEU A 82 -2.50 -15.19 8.22
C LEU A 82 -3.56 -14.93 9.26
N LYS A 83 -4.29 -15.97 9.66
CA LYS A 83 -5.32 -15.85 10.73
C LYS A 83 -4.73 -15.38 12.07
N ASN A 84 -3.44 -15.66 12.28
CA ASN A 84 -2.73 -15.21 13.48
C ASN A 84 -2.49 -13.70 13.58
N TRP A 85 -2.72 -12.99 12.47
CA TRP A 85 -2.44 -11.54 12.39
C TRP A 85 -3.75 -10.75 12.42
N GLY A 86 -3.76 -9.53 11.88
CA GLY A 86 -4.92 -8.63 11.92
C GLY A 86 -4.95 -7.60 10.79
N ASN A 87 -5.84 -6.63 10.91
CA ASN A 87 -6.12 -5.64 9.86
C ASN A 87 -4.86 -5.09 9.16
N ASN A 88 -3.85 -4.71 9.95
CA ASN A 88 -2.60 -4.15 9.42
C ASN A 88 -1.99 -4.97 8.31
N VAL A 89 -1.88 -6.27 8.55
CA VAL A 89 -1.38 -7.21 7.58
C VAL A 89 -2.44 -7.52 6.48
N TRP A 90 -3.70 -7.68 6.86
CA TRP A 90 -4.73 -8.22 5.97
C TRP A 90 -5.19 -7.25 4.87
N HIS A 91 -5.31 -5.98 5.20
CA HIS A 91 -5.97 -5.01 4.31
C HIS A 91 -5.31 -4.91 2.92
N GLY A 92 -3.98 -5.07 2.89
CA GLY A 92 -3.26 -5.18 1.64
C GLY A 92 -3.15 -6.62 1.21
N MET A 93 -2.62 -7.48 2.09
CA MET A 93 -2.26 -8.85 1.72
C MET A 93 -3.48 -9.70 1.35
N VAL A 94 -4.60 -9.47 2.03
CA VAL A 94 -5.86 -10.19 1.76
C VAL A 94 -6.85 -9.30 1.02
N GLY A 95 -6.87 -8.01 1.39
CA GLY A 95 -7.73 -6.99 0.77
C GLY A 95 -7.72 -6.90 -0.75
N ILE A 96 -6.60 -7.29 -1.37
CA ILE A 96 -6.49 -7.39 -2.83
C ILE A 96 -7.55 -8.30 -3.48
N TYR A 97 -7.96 -9.34 -2.75
CA TYR A 97 -9.00 -10.26 -3.24
C TYR A 97 -10.39 -9.62 -3.26
N LYS A 98 -10.62 -8.69 -2.33
CA LYS A 98 -11.85 -7.90 -2.28
C LYS A 98 -11.92 -6.87 -3.39
N ILE A 99 -10.81 -6.16 -3.60
CA ILE A 99 -10.65 -5.25 -4.71
C ILE A 99 -10.97 -5.98 -6.03
N GLN A 100 -10.41 -7.18 -6.18
CA GLN A 100 -10.56 -8.01 -7.37
C GLN A 100 -12.03 -8.41 -7.58
N GLU A 101 -12.70 -8.73 -6.48
CA GLU A 101 -14.13 -9.06 -6.49
C GLU A 101 -15.00 -7.86 -6.89
N ASP A 102 -14.82 -6.73 -6.22
CA ASP A 102 -15.60 -5.49 -6.46
C ASP A 102 -15.36 -4.78 -7.79
N LEU A 103 -14.12 -4.74 -8.25
CA LEU A 103 -13.74 -3.86 -9.35
C LEU A 103 -13.21 -4.60 -10.56
N ASP A 104 -13.20 -5.93 -10.49
CA ASP A 104 -12.66 -6.80 -11.54
C ASP A 104 -11.21 -6.42 -11.93
N LEU A 105 -10.41 -6.08 -10.93
CA LEU A 105 -9.00 -5.78 -11.15
C LEU A 105 -8.24 -7.08 -11.30
N HIS A 106 -7.52 -7.21 -12.41
CA HIS A 106 -6.73 -8.40 -12.76
C HIS A 106 -5.27 -8.12 -13.06
N ASP A 107 -4.90 -6.84 -13.16
CA ASP A 107 -3.51 -6.49 -13.47
C ASP A 107 -2.62 -6.96 -12.33
N SER A 108 -1.61 -7.77 -12.67
CA SER A 108 -0.78 -8.42 -11.65
C SER A 108 0.13 -7.41 -10.92
N GLU A 109 0.70 -6.47 -11.67
CA GLU A 109 1.61 -5.43 -11.10
C GLU A 109 0.89 -4.53 -10.08
N ILE A 110 -0.30 -4.04 -10.43
CA ILE A 110 -1.13 -3.24 -9.51
C ILE A 110 -1.50 -4.05 -8.26
N LEU A 111 -2.00 -5.27 -8.49
CA LEU A 111 -2.42 -6.16 -7.40
C LEU A 111 -1.28 -6.39 -6.41
N ARG A 112 -0.08 -6.65 -6.94
CA ARG A 112 1.11 -6.88 -6.12
C ARG A 112 1.51 -5.65 -5.30
N ALA A 113 1.48 -4.48 -5.94
CA ALA A 113 1.80 -3.20 -5.28
C ALA A 113 0.84 -2.92 -4.12
N ILE A 114 -0.44 -3.20 -4.34
CA ILE A 114 -1.42 -3.10 -3.25
C ILE A 114 -1.14 -4.17 -2.16
N GLU A 115 -0.90 -5.40 -2.59
CA GLU A 115 -0.69 -6.55 -1.70
C GLU A 115 0.32 -6.27 -0.58
N ILE A 116 1.48 -5.74 -0.96
CA ILE A 116 2.61 -5.56 -0.05
C ILE A 116 2.86 -4.11 0.36
N HIS A 117 1.86 -3.24 0.22
CA HIS A 117 2.06 -1.82 0.52
C HIS A 117 2.39 -1.53 1.99
N THR A 118 1.96 -2.42 2.88
CA THR A 118 2.19 -2.25 4.33
C THR A 118 3.52 -2.87 4.78
N VAL A 119 3.83 -4.06 4.27
CA VAL A 119 4.94 -4.89 4.79
C VAL A 119 6.15 -4.98 3.83
N GLY A 120 5.94 -4.59 2.58
CA GLY A 120 6.94 -4.72 1.51
C GLY A 120 7.25 -6.18 1.21
N ALA A 121 8.38 -6.40 0.55
CA ALA A 121 8.96 -7.73 0.37
C ALA A 121 10.45 -7.56 0.19
N GLY A 122 11.23 -8.64 0.31
CA GLY A 122 12.65 -8.62 0.02
C GLY A 122 12.99 -8.24 -1.41
N GLN A 123 12.07 -8.55 -2.32
CA GLN A 123 12.14 -8.13 -3.73
C GLN A 123 10.90 -7.32 -4.06
N MET A 124 11.11 -6.08 -4.49
CA MET A 124 10.01 -5.16 -4.84
C MET A 124 10.24 -4.57 -6.24
N THR A 125 9.20 -4.55 -7.06
CA THR A 125 9.23 -3.86 -8.37
C THR A 125 9.27 -2.36 -8.11
N ASP A 126 9.61 -1.56 -9.13
CA ASP A 126 9.64 -0.11 -8.94
C ASP A 126 8.24 0.43 -8.60
N LEU A 127 7.20 -0.18 -9.18
CA LEU A 127 5.82 0.18 -8.88
C LEU A 127 5.47 -0.11 -7.40
N ASP A 128 5.85 -1.30 -6.91
CA ASP A 128 5.68 -1.66 -5.49
C ASP A 128 6.28 -0.59 -4.58
N LYS A 129 7.51 -0.16 -4.88
CA LYS A 129 8.25 0.84 -4.11
C LYS A 129 7.57 2.19 -4.18
N VAL A 130 7.07 2.56 -5.37
CA VAL A 130 6.36 3.84 -5.53
C VAL A 130 5.15 3.90 -4.58
N ILE A 131 4.36 2.82 -4.53
CA ILE A 131 3.14 2.79 -3.68
C ILE A 131 3.55 2.80 -2.19
N TYR A 132 4.54 1.97 -1.86
CA TYR A 132 5.02 1.83 -0.49
C TYR A 132 5.49 3.18 0.05
N VAL A 133 6.18 3.94 -0.80
CA VAL A 133 6.71 5.25 -0.40
C VAL A 133 5.63 6.34 -0.46
N ALA A 134 4.84 6.38 -1.54
CA ALA A 134 3.77 7.36 -1.72
C ALA A 134 2.79 7.37 -0.55
N ASP A 135 2.51 6.19 -0.04
CA ASP A 135 1.65 5.98 1.12
C ASP A 135 2.15 6.80 2.32
N TYR A 136 3.48 6.81 2.46
CA TYR A 136 4.18 7.39 3.61
C TYR A 136 4.33 8.90 3.49
N ILE A 137 4.44 9.41 2.27
CA ILE A 137 4.83 10.82 2.07
C ILE A 137 3.70 11.70 1.54
N GLU A 138 2.52 11.11 1.35
CA GLU A 138 1.37 11.85 0.75
C GLU A 138 1.07 13.09 1.57
N HIS A 139 0.69 14.16 0.87
CA HIS A 139 0.67 15.53 1.39
C HIS A 139 -0.14 15.77 2.67
N ASN A 140 -1.14 14.92 2.92
CA ASN A 140 -1.94 14.99 4.15
C ASN A 140 -1.23 14.49 5.41
N ARG A 141 -0.14 13.75 5.26
CA ARG A 141 0.52 13.24 6.45
C ARG A 141 1.42 14.28 7.09
N ALA A 142 1.53 14.26 8.40
CA ALA A 142 2.32 15.28 9.08
C ALA A 142 3.18 14.75 10.22
N PHE A 143 3.34 13.42 10.31
CA PHE A 143 4.12 12.80 11.40
C PHE A 143 5.55 13.40 11.46
N PRO A 144 6.16 13.47 12.66
CA PRO A 144 7.51 14.09 12.72
C PRO A 144 8.53 13.26 11.93
N GLY A 145 9.32 13.94 11.11
CA GLY A 145 10.25 13.26 10.21
C GLY A 145 9.70 13.00 8.81
N VAL A 146 8.44 13.37 8.54
CA VAL A 146 7.85 13.19 7.20
C VAL A 146 8.62 14.05 6.20
N ASP A 147 9.14 15.19 6.65
CA ASP A 147 9.96 16.08 5.82
C ASP A 147 11.23 15.37 5.31
N VAL A 148 11.78 14.47 6.14
CA VAL A 148 13.02 13.77 5.80
C VAL A 148 12.71 12.69 4.75
N ALA A 149 11.63 11.95 5.00
CA ALA A 149 11.08 10.99 4.05
C ALA A 149 10.84 11.62 2.67
N ARG A 150 10.22 12.81 2.66
CA ARG A 150 9.99 13.56 1.42
C ARG A 150 11.29 13.90 0.68
N GLU A 151 12.28 14.43 1.41
CA GLU A 151 13.57 14.76 0.79
C GLU A 151 14.23 13.50 0.21
N ILE A 152 14.30 12.44 1.01
CA ILE A 152 14.87 11.17 0.56
C ILE A 152 14.18 10.66 -0.71
N ALA A 153 12.85 10.67 -0.71
CA ALA A 153 12.04 10.20 -1.84
C ALA A 153 12.21 11.06 -3.11
N SER A 154 12.53 12.34 -2.92
CA SER A 154 12.88 13.24 -4.03
C SER A 154 14.20 12.86 -4.73
N LEU A 155 15.02 12.00 -4.08
CA LEU A 155 16.34 11.61 -4.58
C LEU A 155 16.47 10.12 -4.89
N SER A 156 15.92 9.27 -4.04
CA SER A 156 16.09 7.82 -4.18
C SER A 156 14.90 7.01 -3.66
N LEU A 157 14.31 6.24 -4.56
CA LEU A 157 13.21 5.35 -4.24
C LEU A 157 13.63 4.26 -3.26
N ASN A 158 14.78 3.62 -3.52
CA ASN A 158 15.32 2.56 -2.67
C ASN A 158 15.65 3.06 -1.28
N LYS A 159 16.26 4.24 -1.19
CA LYS A 159 16.59 4.78 0.12
C LYS A 159 15.31 5.17 0.88
N ALA A 160 14.30 5.64 0.17
CA ALA A 160 13.01 5.98 0.81
C ALA A 160 12.33 4.73 1.36
N VAL A 161 12.39 3.63 0.62
CA VAL A 161 11.89 2.33 1.11
C VAL A 161 12.64 1.97 2.41
N ALA A 162 13.97 2.13 2.40
CA ALA A 162 14.83 1.79 3.54
C ALA A 162 14.50 2.60 4.78
N TYR A 163 14.35 3.90 4.57
CA TYR A 163 14.04 4.84 5.64
C TYR A 163 12.67 4.52 6.27
N GLU A 164 11.65 4.38 5.41
CA GLU A 164 10.30 4.07 5.88
C GLU A 164 10.30 2.75 6.67
N THR A 165 10.90 1.71 6.08
CA THR A 165 10.95 0.39 6.72
C THR A 165 11.67 0.42 8.06
N ALA A 166 12.82 1.10 8.11
CA ALA A 166 13.57 1.23 9.35
C ALA A 166 12.71 1.91 10.44
N ARG A 167 12.06 3.01 10.10
CA ARG A 167 11.18 3.77 11.02
C ARG A 167 9.98 2.97 11.52
N THR A 168 9.39 2.15 10.66
CA THR A 168 8.24 1.29 11.04
C THR A 168 8.66 0.20 12.04
N VAL A 169 9.72 -0.53 11.70
CA VAL A 169 10.29 -1.53 12.58
C VAL A 169 10.65 -0.94 13.95
N GLU A 170 11.31 0.22 13.94
CA GLU A 170 11.70 0.93 15.16
C GLU A 170 10.45 1.31 15.98
N TYR A 171 9.46 1.89 15.31
CA TYR A 171 8.22 2.31 15.98
C TYR A 171 7.43 1.12 16.57
N LEU A 172 7.30 0.03 15.81
CA LEU A 172 6.58 -1.15 16.28
C LEU A 172 7.26 -1.78 17.48
N ALA A 173 8.60 -1.85 17.48
CA ALA A 173 9.36 -2.36 18.64
C ALA A 173 9.21 -1.42 19.84
N HIS A 174 9.26 -0.11 19.57
CA HIS A 174 9.04 0.94 20.59
C HIS A 174 7.68 0.74 21.28
N GLN A 175 6.66 0.42 20.48
CA GLN A 175 5.27 0.28 20.95
C GLN A 175 4.97 -1.10 21.56
N GLY A 176 5.85 -2.07 21.29
CA GLY A 176 5.64 -3.44 21.74
C GLY A 176 4.63 -4.19 20.88
N PHE A 177 4.56 -3.84 19.58
CA PHE A 177 3.63 -4.50 18.65
C PHE A 177 4.29 -5.63 17.90
N PRO A 178 3.54 -6.71 17.58
CA PRO A 178 4.17 -7.76 16.75
C PRO A 178 4.58 -7.18 15.41
N ILE A 179 5.61 -7.76 14.81
CA ILE A 179 6.12 -7.34 13.52
C ILE A 179 6.02 -8.50 12.54
N TYR A 180 5.27 -8.29 11.45
CA TYR A 180 5.10 -9.32 10.44
C TYR A 180 6.47 -9.70 9.87
N PRO A 181 6.79 -11.00 9.84
CA PRO A 181 8.12 -11.38 9.38
C PRO A 181 8.51 -10.90 7.97
N GLN A 182 7.55 -10.77 7.05
CA GLN A 182 7.89 -10.21 5.72
C GLN A 182 8.37 -8.77 5.78
N THR A 183 7.92 -8.03 6.79
CA THR A 183 8.43 -6.68 7.05
C THR A 183 9.93 -6.68 7.32
N LEU A 184 10.39 -7.68 8.08
CA LEU A 184 11.81 -7.80 8.33
C LEU A 184 12.57 -8.22 7.08
N GLU A 185 11.96 -9.09 6.25
CA GLU A 185 12.54 -9.40 4.94
C GLU A 185 12.85 -8.10 4.17
N THR A 186 11.88 -7.17 4.18
CA THR A 186 12.00 -5.88 3.48
C THR A 186 13.12 -5.07 4.12
N TYR A 187 13.06 -4.96 5.45
CA TYR A 187 14.06 -4.23 6.23
C TYR A 187 15.50 -4.64 5.91
N ASN A 188 15.75 -5.95 6.00
CA ASN A 188 17.09 -6.49 5.81
C ASN A 188 17.54 -6.34 4.35
N ALA A 189 16.60 -6.49 3.42
CA ALA A 189 16.90 -6.33 1.98
C ALA A 189 17.27 -4.89 1.63
N PHE A 190 16.64 -3.92 2.31
CA PHE A 190 16.80 -2.50 1.92
C PHE A 190 17.68 -1.63 2.80
N VAL A 191 18.03 -2.13 4.00
CA VAL A 191 18.71 -1.29 5.00
C VAL A 191 20.08 -0.73 4.55
N HIS A 192 20.83 -1.48 3.74
CA HIS A 192 22.09 -0.99 3.13
C HIS A 192 21.97 0.38 2.41
N TYR A 193 20.79 0.64 1.81
CA TYR A 193 20.55 1.90 1.09
C TYR A 193 20.64 3.14 1.94
N LEU A 194 20.57 2.98 3.26
CA LEU A 194 20.70 4.09 4.19
C LEU A 194 22.11 4.68 4.30
#